data_3LSW
#
_entry.id   3LSW
#
_cell.length_a   47.060
_cell.length_b   47.364
_cell.length_c   137.409
_cell.angle_alpha   90.00
_cell.angle_beta   90.00
_cell.angle_gamma   90.00
#
_symmetry.space_group_name_H-M   'P 2 2 21'
#
loop_
_entity.id
_entity.type
_entity.pdbx_description
1 polymer 'GluA2 S1S2 domain'
2 non-polymer 'GLUTAMIC ACID'
3 non-polymer 1-(4-METHOXYBENZOYL)-2-PYRROLIDINONE
4 non-polymer 'ZINC ION'
5 water water
#
_entity_poly.entity_id   1
_entity_poly.type   'polypeptide(L)'
_entity_poly.pdbx_seq_one_letter_code
;RTIVVTTILESPYVMYKKNHEQLEGNERYEGYCVDLAYEIAKHVRIKYKLSIVGDGKYGARDPETKIWNGMVGELVYGRA
DIAVAPLTITLVREEVIDFSKPFMSLGISIMIKKGTPIESAEDLAKQTEIAYGTLDSGSTKEFFRRSKIAVYEKMWSYMK
SAEPSVFTKTTADGVARVRKSKGKFAFLLESTMNEYIEQRKPCDTMKVGGNLDSKGYGVATPKGSALGTPVNLAVLKLSE
QGILDKLKNKWWYDKGEC
;
_entity_poly.pdbx_strand_id   A
#
# COMPACT_ATOMS: atom_id res chain seq x y z
N ARG A 1 1.07 -28.38 4.72
CA ARG A 1 2.29 -28.14 3.97
C ARG A 1 2.09 -26.94 3.04
N THR A 2 0.87 -26.65 2.60
CA THR A 2 0.69 -25.46 1.75
C THR A 2 0.39 -24.24 2.62
N ILE A 3 1.21 -23.21 2.54
CA ILE A 3 0.95 -22.13 3.47
C ILE A 3 0.13 -21.05 2.77
N VAL A 4 -0.68 -20.35 3.55
CA VAL A 4 -1.60 -19.35 3.05
C VAL A 4 -0.93 -17.99 3.07
N VAL A 5 -0.83 -17.38 1.91
CA VAL A 5 -0.22 -16.04 1.74
C VAL A 5 -1.33 -15.04 1.51
N THR A 6 -1.58 -14.18 2.49
CA THR A 6 -2.62 -13.15 2.30
C THR A 6 -2.02 -11.99 1.52
N THR A 7 -2.84 -11.39 0.66
CA THR A 7 -2.37 -10.25 -0.15
C THR A 7 -3.58 -9.44 -0.56
N ILE A 8 -3.39 -8.41 -1.38
CA ILE A 8 -4.48 -7.45 -1.61
C ILE A 8 -4.40 -7.03 -3.04
N LEU A 9 -5.56 -6.83 -3.70
CA LEU A 9 -5.49 -6.36 -5.09
C LEU A 9 -5.17 -4.87 -5.12
N GLU A 10 -3.94 -4.53 -5.48
CA GLU A 10 -3.43 -3.16 -5.53
C GLU A 10 -2.38 -3.13 -6.63
N SER A 11 -2.60 -2.29 -7.63
CA SER A 11 -1.64 -2.20 -8.74
C SER A 11 -0.40 -1.40 -8.38
N PRO A 12 0.78 -1.83 -8.83
CA PRO A 12 1.08 -3.02 -9.61
C PRO A 12 1.58 -4.18 -8.77
N TYR A 13 1.17 -4.23 -7.49
CA TYR A 13 1.67 -5.31 -6.63
C TYR A 13 0.95 -6.64 -6.92
N VAL A 14 -0.37 -6.62 -6.96
CA VAL A 14 -1.12 -7.82 -7.36
C VAL A 14 -2.26 -7.35 -8.21
N MET A 15 -2.35 -7.95 -9.40
CA MET A 15 -3.37 -7.55 -10.35
C MET A 15 -3.91 -8.80 -11.00
N TYR A 16 -5.16 -8.78 -11.46
CA TYR A 16 -5.64 -9.94 -12.21
C TYR A 16 -4.94 -10.02 -13.57
N LYS A 17 -4.48 -11.22 -13.97
CA LYS A 17 -3.99 -11.37 -15.36
C LYS A 17 -5.13 -11.18 -16.35
N LYS A 18 -4.79 -10.77 -17.56
CA LYS A 18 -5.75 -10.50 -18.65
C LYS A 18 -6.91 -11.51 -18.79
N ASN A 19 -6.55 -12.78 -18.69
CA ASN A 19 -7.48 -13.90 -18.84
C ASN A 19 -7.73 -14.64 -17.52
N HIS A 20 -7.67 -13.92 -16.41
CA HIS A 20 -7.78 -14.55 -15.11
C HIS A 20 -9.03 -15.42 -14.91
N GLU A 21 -10.12 -15.08 -15.61
CA GLU A 21 -11.35 -15.84 -15.40
C GLU A 21 -11.26 -17.26 -16.00
N GLN A 22 -10.24 -17.52 -16.80
CA GLN A 22 -9.98 -18.83 -17.38
C GLN A 22 -8.88 -19.53 -16.60
N LEU A 23 -8.37 -18.89 -15.56
CA LEU A 23 -7.24 -19.47 -14.81
C LEU A 23 -7.64 -19.85 -13.40
N GLU A 24 -6.78 -20.59 -12.71
CA GLU A 24 -7.07 -21.01 -11.37
C GLU A 24 -5.89 -20.73 -10.44
N GLY A 25 -6.17 -20.60 -9.15
CA GLY A 25 -5.13 -20.56 -8.13
C GLY A 25 -4.15 -19.40 -8.35
N ASN A 26 -2.87 -19.62 -8.00
CA ASN A 26 -1.90 -18.53 -8.12
C ASN A 26 -1.77 -17.96 -9.53
N GLU A 27 -2.14 -18.75 -10.53
CA GLU A 27 -2.01 -18.31 -11.91
C GLU A 27 -2.96 -17.16 -12.27
N ARG A 28 -3.98 -16.93 -11.46
CA ARG A 28 -4.88 -15.80 -11.73
C ARG A 28 -4.24 -14.41 -11.67
N TYR A 29 -3.09 -14.32 -11.00
CA TYR A 29 -2.58 -13.01 -10.60
C TYR A 29 -1.20 -12.77 -11.14
N GLU A 30 -0.83 -11.51 -11.23
CA GLU A 30 0.53 -11.11 -11.56
C GLU A 30 0.86 -9.79 -10.89
N GLY A 31 2.15 -9.49 -10.78
CA GLY A 31 2.57 -8.18 -10.31
C GLY A 31 3.78 -8.33 -9.40
N TYR A 32 4.25 -7.21 -8.83
CA TYR A 32 5.48 -7.20 -8.03
C TYR A 32 5.40 -8.14 -6.82
N CYS A 33 4.29 -8.13 -6.07
CA CYS A 33 4.20 -9.01 -4.91
C CYS A 33 3.97 -10.47 -5.29
N VAL A 34 3.36 -10.73 -6.44
CA VAL A 34 3.23 -12.11 -6.92
C VAL A 34 4.63 -12.64 -7.23
N ASP A 35 5.43 -11.83 -7.92
CA ASP A 35 6.85 -12.20 -8.21
C ASP A 35 7.65 -12.36 -6.88
N LEU A 36 7.45 -11.42 -5.96
CA LEU A 36 8.20 -11.47 -4.66
C LEU A 36 7.84 -12.72 -3.86
N ALA A 37 6.55 -13.04 -3.81
CA ALA A 37 6.14 -14.24 -3.12
C ALA A 37 6.79 -15.50 -3.72
N TYR A 38 6.84 -15.56 -5.03
CA TYR A 38 7.48 -16.68 -5.73
C TYR A 38 8.97 -16.77 -5.36
N GLU A 39 9.67 -15.64 -5.39
CA GLU A 39 11.09 -15.63 -5.06
C GLU A 39 11.31 -15.99 -3.60
N ILE A 40 10.53 -15.42 -2.70
CA ILE A 40 10.63 -15.82 -1.30
C ILE A 40 10.38 -17.32 -1.06
N ALA A 41 9.31 -17.85 -1.64
CA ALA A 41 8.93 -19.26 -1.44
C ALA A 41 10.04 -20.14 -2.00
N LYS A 42 10.66 -19.71 -3.07
CA LYS A 42 11.79 -20.46 -3.61
C LYS A 42 12.97 -20.59 -2.63
N HIS A 43 13.29 -19.49 -1.97
CA HIS A 43 14.39 -19.49 -1.01
C HIS A 43 14.06 -20.17 0.30
N VAL A 44 12.82 -20.03 0.76
CA VAL A 44 12.39 -20.61 2.03
C VAL A 44 11.92 -22.08 1.84
N ARG A 45 11.77 -22.48 0.57
CA ARG A 45 11.36 -23.83 0.17
C ARG A 45 10.02 -24.24 0.75
N ILE A 46 8.99 -23.45 0.46
CA ILE A 46 7.61 -23.73 0.86
C ILE A 46 6.70 -23.74 -0.36
N LYS A 47 5.66 -24.56 -0.34
CA LYS A 47 4.57 -24.41 -1.29
C LYS A 47 3.53 -23.44 -0.71
N TYR A 48 2.84 -22.69 -1.55
CA TYR A 48 1.97 -21.66 -1.01
C TYR A 48 0.79 -21.36 -1.94
N LYS A 49 -0.25 -20.74 -1.38
CA LYS A 49 -1.42 -20.31 -2.13
C LYS A 49 -1.74 -18.86 -1.78
N LEU A 50 -1.86 -18.01 -2.81
CA LEU A 50 -2.19 -16.62 -2.64
C LEU A 50 -3.66 -16.50 -2.36
N SER A 51 -4.00 -15.66 -1.40
CA SER A 51 -5.38 -15.46 -1.00
C SER A 51 -5.64 -13.96 -0.86
N ILE A 52 -6.46 -13.40 -1.74
CA ILE A 52 -6.80 -12.00 -1.63
C ILE A 52 -7.68 -11.78 -0.39
N VAL A 53 -7.24 -10.86 0.46
CA VAL A 53 -7.92 -10.60 1.70
C VAL A 53 -9.40 -10.23 1.47
N GLY A 54 -10.32 -10.91 2.16
CA GLY A 54 -11.76 -10.74 1.92
C GLY A 54 -12.31 -9.33 2.02
N ASP A 55 -11.89 -8.62 3.07
CA ASP A 55 -12.41 -7.29 3.28
C ASP A 55 -11.69 -6.23 2.46
N GLY A 56 -10.65 -6.62 1.70
CA GLY A 56 -9.93 -5.69 0.81
C GLY A 56 -9.18 -4.57 1.53
N LYS A 57 -8.80 -4.82 2.79
CA LYS A 57 -8.15 -3.79 3.64
C LYS A 57 -6.74 -4.18 4.08
N TYR A 58 -5.92 -3.16 4.39
CA TYR A 58 -4.55 -3.43 4.83
C TYR A 58 -4.54 -3.88 6.27
N GLY A 59 -5.10 -3.06 7.15
CA GLY A 59 -5.24 -3.51 8.52
C GLY A 59 -5.24 -2.43 9.55
N ALA A 60 -6.32 -2.37 10.32
CA ALA A 60 -6.38 -1.42 11.41
C ALA A 60 -7.13 -2.09 12.52
N ARG A 61 -6.95 -1.56 13.72
CA ARG A 61 -7.65 -2.09 14.89
C ARG A 61 -8.83 -1.19 15.23
N ASP A 62 -10.03 -1.76 15.26
CA ASP A 62 -11.20 -1.00 15.71
C ASP A 62 -11.06 -0.60 17.17
N PRO A 63 -11.20 0.70 17.47
CA PRO A 63 -10.97 1.24 18.82
C PRO A 63 -12.04 0.75 19.82
N GLU A 64 -13.22 0.44 19.30
CA GLU A 64 -14.29 -0.14 20.10
C GLU A 64 -14.07 -1.63 20.39
N THR A 65 -14.28 -2.46 19.38
CA THR A 65 -14.19 -3.92 19.53
C THR A 65 -12.77 -4.43 19.69
N LYS A 66 -11.80 -3.63 19.26
CA LYS A 66 -10.38 -3.97 19.38
C LYS A 66 -10.00 -5.09 18.40
N ILE A 67 -10.84 -5.36 17.43
CA ILE A 67 -10.58 -6.41 16.46
C ILE A 67 -9.77 -5.86 15.27
N TRP A 68 -8.72 -6.57 14.88
CA TRP A 68 -7.96 -6.18 13.68
C TRP A 68 -8.64 -6.63 12.38
N ASN A 69 -8.70 -5.74 11.40
CA ASN A 69 -9.28 -6.14 10.11
C ASN A 69 -8.15 -6.27 9.09
N GLY A 70 -8.51 -6.57 7.84
CA GLY A 70 -7.57 -6.58 6.73
C GLY A 70 -6.55 -7.70 6.84
N MET A 71 -5.46 -7.55 6.09
CA MET A 71 -4.39 -8.54 6.11
C MET A 71 -3.80 -8.69 7.52
N VAL A 72 -3.69 -7.59 8.25
CA VAL A 72 -3.16 -7.69 9.62
C VAL A 72 -4.04 -8.65 10.42
N GLY A 73 -5.36 -8.50 10.34
CA GLY A 73 -6.24 -9.42 11.07
C GLY A 73 -6.11 -10.87 10.58
N GLU A 74 -5.87 -11.08 9.28
CA GLU A 74 -5.72 -12.46 8.85
C GLU A 74 -4.53 -13.13 9.58
N LEU A 75 -3.43 -12.40 9.79
CA LEU A 75 -2.28 -12.96 10.51
C LEU A 75 -2.59 -13.12 12.00
N VAL A 76 -3.14 -12.06 12.58
CA VAL A 76 -3.42 -12.07 14.04
C VAL A 76 -4.32 -13.20 14.47
N TYR A 77 -5.36 -13.46 13.67
CA TYR A 77 -6.39 -14.49 14.01
C TYR A 77 -6.07 -15.87 13.47
N GLY A 78 -4.91 -16.01 12.85
CA GLY A 78 -4.42 -17.32 12.47
C GLY A 78 -4.98 -17.84 11.16
N ARG A 79 -5.46 -16.96 10.30
CA ARG A 79 -6.01 -17.44 9.04
C ARG A 79 -5.04 -17.44 7.86
N ALA A 80 -3.90 -16.74 8.01
CA ALA A 80 -2.87 -16.69 6.97
C ALA A 80 -1.54 -16.87 7.67
N ASP A 81 -0.58 -17.43 6.96
CA ASP A 81 0.76 -17.70 7.50
C ASP A 81 1.78 -16.57 7.23
N ILE A 82 1.53 -15.81 6.16
CA ILE A 82 2.43 -14.74 5.72
C ILE A 82 1.58 -13.74 4.94
N ALA A 83 1.95 -12.45 4.97
CA ALA A 83 1.34 -11.45 4.06
C ALA A 83 2.47 -10.93 3.17
N VAL A 84 2.26 -10.99 1.84
CA VAL A 84 3.24 -10.46 0.93
C VAL A 84 2.48 -9.39 0.14
N ALA A 85 2.69 -8.12 0.50
CA ALA A 85 1.80 -7.04 0.04
C ALA A 85 2.54 -5.74 0.39
N PRO A 86 2.06 -4.60 -0.14
CA PRO A 86 2.69 -3.30 0.16
C PRO A 86 2.15 -2.87 1.52
N LEU A 87 2.56 -3.62 2.54
CA LEU A 87 2.10 -3.46 3.94
C LEU A 87 3.15 -2.68 4.72
N THR A 88 2.76 -1.49 5.12
CA THR A 88 3.70 -0.57 5.80
C THR A 88 4.06 -1.02 7.19
N ILE A 89 5.36 -1.00 7.49
CA ILE A 89 5.88 -1.34 8.84
C ILE A 89 5.58 -0.15 9.75
N THR A 90 4.77 -0.41 10.78
CA THR A 90 4.38 0.64 11.72
C THR A 90 4.51 0.07 13.12
N LEU A 91 4.58 0.99 14.10
CA LEU A 91 4.78 0.58 15.48
C LEU A 91 3.57 -0.24 15.96
N VAL A 92 2.36 0.26 15.68
CA VAL A 92 1.19 -0.47 16.24
C VAL A 92 1.07 -1.87 15.63
N ARG A 93 1.49 -2.03 14.37
CA ARG A 93 1.46 -3.36 13.77
C ARG A 93 2.57 -4.24 14.35
N GLU A 94 3.77 -3.69 14.57
CA GLU A 94 4.93 -4.47 15.06
C GLU A 94 4.60 -4.99 16.45
N GLU A 95 3.64 -4.36 17.12
CA GLU A 95 3.24 -4.91 18.43
C GLU A 95 2.47 -6.20 18.36
N VAL A 96 1.87 -6.50 17.21
CA VAL A 96 0.99 -7.68 17.07
C VAL A 96 1.38 -8.69 15.95
N ILE A 97 2.22 -8.26 14.99
CA ILE A 97 2.76 -9.16 13.98
C ILE A 97 4.25 -8.89 13.81
N ASP A 98 4.95 -9.78 13.14
CA ASP A 98 6.38 -9.57 12.87
C ASP A 98 6.52 -9.08 11.41
N PHE A 99 7.57 -8.31 11.13
CA PHE A 99 7.85 -7.88 9.76
C PHE A 99 9.27 -8.21 9.41
N SER A 100 9.49 -8.64 8.17
CA SER A 100 10.86 -8.62 7.61
C SER A 100 11.48 -7.19 7.60
N LYS A 101 12.79 -7.11 7.46
CA LYS A 101 13.38 -5.85 7.03
C LYS A 101 12.69 -5.43 5.72
N PRO A 102 12.72 -4.14 5.44
CA PRO A 102 11.85 -3.64 4.36
C PRO A 102 12.36 -4.03 2.98
N PHE A 103 11.44 -4.39 2.09
CA PHE A 103 11.76 -4.73 0.69
C PHE A 103 11.59 -3.52 -0.24
N MET A 104 10.97 -2.44 0.25
CA MET A 104 10.76 -1.24 -0.59
C MET A 104 10.72 0.00 0.30
N SER A 105 11.27 1.14 -0.16
CA SER A 105 11.19 2.41 0.57
C SER A 105 10.04 3.22 0.00
N LEU A 106 9.39 4.03 0.84
CA LEU A 106 8.30 4.92 0.36
C LEU A 106 8.06 6.02 1.36
N GLY A 107 7.25 7.00 0.95
CA GLY A 107 6.75 7.99 1.86
C GLY A 107 5.36 8.41 1.43
N ILE A 108 4.64 9.01 2.34
CA ILE A 108 3.34 9.58 1.96
C ILE A 108 3.58 10.74 0.98
N SER A 109 2.74 10.85 -0.02
CA SER A 109 2.93 11.84 -1.08
C SER A 109 1.59 12.41 -1.51
N ILE A 110 1.61 13.48 -2.31
CA ILE A 110 0.38 14.13 -2.78
C ILE A 110 0.21 13.84 -4.24
N MET A 111 -0.97 13.36 -4.60
CA MET A 111 -1.33 13.14 -6.01
C MET A 111 -2.32 14.24 -6.45
N ILE A 112 -1.99 14.94 -7.55
CA ILE A 112 -2.91 15.95 -8.10
C ILE A 112 -3.22 15.66 -9.55
N LYS A 113 -4.36 16.16 -10.01
CA LYS A 113 -4.59 16.19 -11.46
C LYS A 113 -3.68 17.28 -12.04
N LYS A 114 -3.09 17.02 -13.19
CA LYS A 114 -2.10 17.95 -13.72
C LYS A 114 -2.71 19.32 -13.82
N GLY A 115 -1.96 20.34 -13.40
CA GLY A 115 -2.39 21.73 -13.48
C GLY A 115 -3.01 22.26 -12.20
N THR A 116 -3.27 21.40 -11.23
CA THR A 116 -3.78 21.85 -9.96
C THR A 116 -2.76 22.74 -9.27
N PRO A 117 -3.20 23.91 -8.77
CA PRO A 117 -2.29 24.86 -8.13
C PRO A 117 -1.90 24.48 -6.71
N ILE A 118 -1.21 23.35 -6.55
CA ILE A 118 -0.82 22.84 -5.23
C ILE A 118 0.57 22.28 -5.39
N GLU A 119 1.52 22.69 -4.53
CA GLU A 119 2.87 22.18 -4.62
C GLU A 119 3.38 21.52 -3.31
N SER A 120 2.55 21.47 -2.29
CA SER A 120 3.04 21.08 -0.97
C SER A 120 1.86 20.79 -0.07
N ALA A 121 2.10 20.11 1.06
CA ALA A 121 1.02 19.92 2.02
C ALA A 121 0.53 21.25 2.61
N GLU A 122 1.47 22.17 2.84
CA GLU A 122 1.20 23.51 3.33
C GLU A 122 0.16 24.17 2.40
N ASP A 123 0.39 24.03 1.10
CA ASP A 123 -0.53 24.59 0.10
C ASP A 123 -1.95 24.03 0.27
N LEU A 124 -2.10 22.71 0.52
CA LEU A 124 -3.43 22.14 0.74
C LEU A 124 -4.04 22.62 2.05
N ALA A 125 -3.20 22.71 3.08
CA ALA A 125 -3.66 22.98 4.43
C ALA A 125 -4.29 24.39 4.53
N LYS A 126 -3.76 25.35 3.77
CA LYS A 126 -4.18 26.76 3.93
C LYS A 126 -5.32 27.18 3.01
N GLN A 127 -6.02 26.23 2.41
CA GLN A 127 -7.06 26.58 1.46
C GLN A 127 -8.17 25.57 1.58
N THR A 128 -9.30 25.83 0.92
CA THR A 128 -10.47 24.98 1.09
C THR A 128 -11.18 24.66 -0.20
N GLU A 129 -10.74 25.30 -1.29
CA GLU A 129 -11.34 25.08 -2.60
C GLU A 129 -11.09 23.67 -3.08
N ILE A 130 -9.87 23.20 -2.85
CA ILE A 130 -9.46 21.88 -3.28
C ILE A 130 -9.58 20.92 -2.10
N ALA A 131 -10.51 19.98 -2.17
CA ALA A 131 -10.66 18.94 -1.16
C ALA A 131 -9.53 17.89 -1.28
N TYR A 132 -9.32 17.11 -0.22
CA TYR A 132 -8.25 16.11 -0.26
C TYR A 132 -8.55 15.05 0.79
N GLY A 133 -8.12 13.82 0.49
CA GLY A 133 -8.42 12.71 1.37
C GLY A 133 -7.37 11.60 1.26
N THR A 134 -7.67 10.46 1.87
CA THR A 134 -6.72 9.32 1.94
CA THR A 134 -6.76 9.38 2.01
C THR A 134 -7.51 8.02 1.93
N LEU A 135 -6.80 6.91 1.82
CA LEU A 135 -7.38 5.55 1.92
C LEU A 135 -7.86 5.28 3.36
N ASP A 136 -9.03 4.65 3.52
CA ASP A 136 -9.48 4.16 4.85
C ASP A 136 -8.68 2.94 5.35
N SER A 137 -8.51 2.78 6.68
CA SER A 137 -7.97 1.53 7.26
C SER A 137 -6.51 1.24 6.94
N GLY A 138 -5.76 2.29 6.63
CA GLY A 138 -4.36 2.05 6.37
C GLY A 138 -3.46 3.03 7.12
N SER A 139 -2.18 2.97 6.80
CA SER A 139 -1.18 3.69 7.58
C SER A 139 -1.16 5.20 7.26
N THR A 140 -1.59 5.57 6.05
CA THR A 140 -1.64 6.99 5.70
C THR A 140 -2.70 7.69 6.56
N LYS A 141 -3.87 7.07 6.71
CA LYS A 141 -4.89 7.72 7.53
C LYS A 141 -4.38 7.86 8.99
N GLU A 142 -3.70 6.82 9.45
CA GLU A 142 -3.19 6.79 10.85
C GLU A 142 -2.09 7.86 11.04
N PHE A 143 -1.24 8.05 10.03
CA PHE A 143 -0.24 9.12 10.06
C PHE A 143 -0.92 10.46 10.36
N PHE A 144 -1.99 10.78 9.63
CA PHE A 144 -2.62 12.06 9.88
C PHE A 144 -3.30 12.13 11.24
N ARG A 145 -4.01 11.06 11.62
CA ARG A 145 -4.69 11.01 12.91
C ARG A 145 -3.69 11.18 14.05
N ARG A 146 -2.48 10.64 13.91
CA ARG A 146 -1.50 10.67 15.01
C ARG A 146 -0.50 11.82 15.01
N SER A 147 -0.43 12.59 13.93
CA SER A 147 0.62 13.60 13.82
C SER A 147 0.45 14.73 14.85
N LYS A 148 1.58 15.16 15.38
CA LYS A 148 1.63 16.34 16.24
C LYS A 148 2.30 17.49 15.49
N ILE A 149 2.50 17.35 14.19
CA ILE A 149 3.09 18.42 13.39
C ILE A 149 1.98 19.37 12.92
N ALA A 150 2.14 20.68 13.14
CA ALA A 150 1.06 21.64 12.91
C ALA A 150 0.32 21.49 11.57
N VAL A 151 1.05 21.43 10.47
CA VAL A 151 0.39 21.37 9.16
C VAL A 151 -0.45 20.09 9.02
N TYR A 152 0.08 18.95 9.47
CA TYR A 152 -0.65 17.70 9.30
C TYR A 152 -1.83 17.62 10.30
N GLU A 153 -1.69 18.25 11.45
CA GLU A 153 -2.82 18.38 12.40
C GLU A 153 -3.99 19.16 11.79
N LYS A 154 -3.65 20.21 11.06
CA LYS A 154 -4.66 21.01 10.35
C LYS A 154 -5.34 20.19 9.25
N MET A 155 -4.54 19.43 8.47
CA MET A 155 -5.13 18.54 7.46
C MET A 155 -6.03 17.48 8.06
N TRP A 156 -5.63 16.89 9.18
CA TRP A 156 -6.45 15.88 9.84
C TRP A 156 -7.79 16.47 10.32
N SER A 157 -7.74 17.66 10.92
CA SER A 157 -8.97 18.32 11.38
C SER A 157 -9.95 18.49 10.22
N TYR A 158 -9.43 18.89 9.07
CA TYR A 158 -10.27 19.05 7.88
C TYR A 158 -10.83 17.71 7.37
N MET A 159 -9.94 16.72 7.14
CA MET A 159 -10.39 15.46 6.57
C MET A 159 -11.37 14.74 7.46
N LYS A 160 -11.16 14.79 8.77
CA LYS A 160 -11.96 13.99 9.71
C LYS A 160 -13.42 14.45 9.64
N SER A 161 -13.63 15.72 9.37
CA SER A 161 -14.96 16.28 9.38
C SER A 161 -15.57 16.57 7.99
N ALA A 162 -14.77 16.38 6.95
CA ALA A 162 -15.20 16.68 5.60
C ALA A 162 -16.46 15.94 5.20
N GLU A 163 -17.31 16.67 4.46
CA GLU A 163 -18.56 16.18 3.96
C GLU A 163 -18.72 16.61 2.49
N PRO A 164 -19.02 15.67 1.61
CA PRO A 164 -19.07 14.23 1.86
C PRO A 164 -17.67 13.66 2.20
N SER A 165 -17.62 12.38 2.56
CA SER A 165 -16.39 11.76 3.05
C SER A 165 -15.22 11.87 2.06
N VAL A 166 -14.02 12.10 2.58
CA VAL A 166 -12.82 12.10 1.74
C VAL A 166 -12.01 10.81 1.95
N PHE A 167 -12.52 9.87 2.72
CA PHE A 167 -11.81 8.61 2.91
C PHE A 167 -12.33 7.57 1.95
N THR A 168 -11.45 6.95 1.16
CA THR A 168 -11.87 6.06 0.07
C THR A 168 -11.70 4.62 0.47
N LYS A 169 -12.48 3.72 -0.13
CA LYS A 169 -12.37 2.32 0.25
C LYS A 169 -11.18 1.65 -0.40
N THR A 170 -10.72 2.15 -1.56
CA THR A 170 -9.56 1.60 -2.24
C THR A 170 -8.76 2.73 -2.83
N THR A 171 -7.51 2.44 -3.17
CA THR A 171 -6.63 3.42 -3.77
C THR A 171 -7.24 3.84 -5.12
N ALA A 172 -7.68 2.87 -5.91
CA ALA A 172 -8.23 3.17 -7.24
C ALA A 172 -9.40 4.12 -7.15
N ASP A 173 -10.22 4.02 -6.09
CA ASP A 173 -11.33 4.96 -5.92
C ASP A 173 -10.82 6.38 -5.68
N GLY A 174 -9.74 6.53 -4.90
CA GLY A 174 -9.16 7.86 -4.73
C GLY A 174 -8.60 8.44 -6.02
N VAL A 175 -7.89 7.62 -6.78
CA VAL A 175 -7.32 8.03 -8.07
C VAL A 175 -8.45 8.49 -9.01
N ALA A 176 -9.50 7.69 -9.09
CA ALA A 176 -10.65 8.03 -9.92
C ALA A 176 -11.26 9.36 -9.51
N ARG A 177 -11.33 9.64 -8.20
CA ARG A 177 -11.90 10.90 -7.75
C ARG A 177 -10.99 12.08 -8.13
N VAL A 178 -9.67 11.90 -8.06
CA VAL A 178 -8.76 12.95 -8.51
C VAL A 178 -9.01 13.24 -10.02
N ARG A 179 -9.09 12.17 -10.81
CA ARG A 179 -9.25 12.29 -12.26
C ARG A 179 -10.57 12.89 -12.67
N LYS A 180 -11.63 12.64 -11.90
CA LYS A 180 -12.95 13.12 -12.26
C LYS A 180 -13.28 14.50 -11.72
N SER A 181 -12.42 15.05 -10.85
CA SER A 181 -12.79 16.24 -10.12
C SER A 181 -12.28 17.56 -10.68
N LYS A 182 -11.73 17.55 -11.90
CA LYS A 182 -11.28 18.79 -12.57
C LYS A 182 -10.33 19.65 -11.73
N GLY A 183 -9.47 18.99 -10.96
CA GLY A 183 -8.53 19.73 -10.14
C GLY A 183 -9.01 20.04 -8.72
N LYS A 184 -10.19 19.58 -8.36
CA LYS A 184 -10.78 19.99 -7.09
C LYS A 184 -10.66 18.92 -6.01
N PHE A 185 -9.97 17.81 -6.30
CA PHE A 185 -9.68 16.82 -5.23
C PHE A 185 -8.22 16.38 -5.39
N ALA A 186 -7.49 16.31 -4.28
CA ALA A 186 -6.13 15.74 -4.31
C ALA A 186 -6.13 14.54 -3.38
N PHE A 187 -5.25 13.57 -3.63
CA PHE A 187 -5.27 12.33 -2.87
C PHE A 187 -3.91 12.14 -2.20
N LEU A 188 -3.93 11.78 -0.91
CA LEU A 188 -2.70 11.52 -0.15
C LEU A 188 -2.45 10.02 -0.16
N LEU A 189 -1.37 9.57 -0.78
CA LEU A 189 -1.11 8.14 -0.90
C LEU A 189 0.38 7.88 -0.96
N GLU A 190 0.76 6.64 -0.85
CA GLU A 190 2.18 6.35 -0.82
C GLU A 190 2.83 6.63 -2.16
N SER A 191 4.07 7.10 -2.05
CA SER A 191 4.86 7.52 -3.22
C SER A 191 5.00 6.44 -4.30
N THR A 192 5.11 5.20 -3.89
CA THR A 192 5.15 4.03 -4.77
C THR A 192 3.88 3.90 -5.62
N MET A 193 2.70 3.99 -4.99
CA MET A 193 1.46 3.94 -5.80
C MET A 193 1.38 5.19 -6.67
N ASN A 194 1.76 6.33 -6.11
CA ASN A 194 1.63 7.61 -6.83
C ASN A 194 2.50 7.55 -8.10
N GLU A 195 3.75 7.10 -7.95
CA GLU A 195 4.71 7.02 -9.10
C GLU A 195 4.29 5.99 -10.14
N TYR A 196 3.65 4.91 -9.71
CA TYR A 196 3.08 3.96 -10.69
C TYR A 196 1.95 4.60 -11.53
N ILE A 197 1.04 5.32 -10.87
CA ILE A 197 -0.14 5.84 -11.59
C ILE A 197 0.31 6.93 -12.55
N GLU A 198 1.32 7.70 -12.14
CA GLU A 198 1.89 8.77 -12.95
C GLU A 198 2.42 8.25 -14.29
N GLN A 199 2.76 6.98 -14.36
CA GLN A 199 3.34 6.38 -15.57
C GLN A 199 2.26 5.62 -16.38
N ARG A 200 1.00 5.76 -16.02
CA ARG A 200 -0.07 5.02 -16.72
C ARG A 200 -1.03 5.98 -17.43
N LYS A 201 -1.50 5.59 -18.61
CA LYS A 201 -2.53 6.35 -19.29
C LYS A 201 -3.70 6.52 -18.35
N PRO A 202 -4.40 7.67 -18.42
CA PRO A 202 -4.28 8.79 -19.38
C PRO A 202 -3.21 9.83 -19.06
N CYS A 203 -2.27 9.51 -18.17
CA CYS A 203 -1.17 10.44 -17.83
C CYS A 203 -1.68 11.81 -17.39
N ASP A 204 -2.73 11.84 -16.58
CA ASP A 204 -3.31 13.11 -16.20
C ASP A 204 -3.09 13.39 -14.72
N THR A 205 -2.27 12.57 -14.04
CA THR A 205 -1.92 12.86 -12.67
C THR A 205 -0.45 13.03 -12.46
N MET A 206 -0.06 13.61 -11.34
CA MET A 206 1.34 13.68 -11.01
C MET A 206 1.56 13.78 -9.51
N LYS A 207 2.75 13.37 -9.11
CA LYS A 207 3.15 13.53 -7.72
C LYS A 207 3.72 14.92 -7.57
N VAL A 208 3.31 15.63 -6.51
CA VAL A 208 3.89 16.96 -6.26
C VAL A 208 4.50 17.09 -4.87
N GLY A 209 5.62 17.80 -4.80
CA GLY A 209 6.30 18.05 -3.56
C GLY A 209 7.12 16.83 -3.11
N GLY A 210 7.78 16.97 -1.98
CA GLY A 210 8.55 15.84 -1.50
C GLY A 210 7.59 14.96 -0.69
N ASN A 211 8.10 13.83 -0.22
CA ASN A 211 7.34 12.91 0.62
C ASN A 211 7.22 13.46 2.05
N LEU A 212 6.12 13.13 2.74
CA LEU A 212 5.89 13.66 4.07
C LEU A 212 6.59 12.83 5.16
N ASP A 213 6.96 11.59 4.86
CA ASP A 213 7.67 10.71 5.79
C ASP A 213 8.54 9.74 4.99
N SER A 214 9.27 8.86 5.67
CA SER A 214 10.17 7.91 5.04
C SER A 214 10.03 6.59 5.78
N LYS A 215 9.54 5.56 5.10
CA LYS A 215 9.29 4.31 5.80
C LYS A 215 9.41 3.16 4.79
N GLY A 216 8.99 1.98 5.19
CA GLY A 216 9.16 0.81 4.35
C GLY A 216 8.00 -0.18 4.42
N TYR A 217 7.88 -0.98 3.38
CA TYR A 217 6.99 -2.17 3.38
C TYR A 217 7.82 -3.38 3.79
N GLY A 218 7.21 -4.28 4.56
CA GLY A 218 7.85 -5.53 4.92
C GLY A 218 6.87 -6.69 4.71
N VAL A 219 7.46 -7.85 4.57
CA VAL A 219 6.73 -9.14 4.56
C VAL A 219 6.39 -9.52 5.97
N ALA A 220 5.11 -9.76 6.22
CA ALA A 220 4.64 -9.95 7.61
C ALA A 220 4.28 -11.36 7.92
N THR A 221 4.51 -11.72 9.18
CA THR A 221 4.19 -13.08 9.65
C THR A 221 3.57 -12.95 11.04
N PRO A 222 2.81 -13.98 11.47
CA PRO A 222 2.25 -13.88 12.81
C PRO A 222 3.34 -13.80 13.86
N LYS A 223 3.04 -13.13 14.96
CA LYS A 223 4.08 -12.90 15.95
C LYS A 223 4.68 -14.20 16.48
N GLY A 224 6.01 -14.30 16.40
CA GLY A 224 6.70 -15.47 16.89
C GLY A 224 6.70 -16.67 15.94
N SER A 225 6.15 -16.52 14.73
CA SER A 225 6.18 -17.59 13.75
C SER A 225 7.61 -17.98 13.35
N ALA A 226 7.82 -19.28 13.15
CA ALA A 226 9.10 -19.80 12.76
C ALA A 226 9.48 -19.38 11.33
N LEU A 227 8.48 -19.01 10.52
CA LEU A 227 8.76 -18.56 9.17
C LEU A 227 9.43 -17.19 9.18
N GLY A 228 9.30 -16.43 10.26
CA GLY A 228 9.84 -15.07 10.29
C GLY A 228 11.31 -14.97 9.91
N THR A 229 12.13 -15.83 10.51
CA THR A 229 13.58 -15.74 10.28
C THR A 229 14.03 -16.04 8.84
N PRO A 230 13.59 -17.17 8.27
CA PRO A 230 13.98 -17.50 6.91
C PRO A 230 13.45 -16.45 5.92
N VAL A 231 12.26 -15.92 6.16
CA VAL A 231 11.70 -14.91 5.23
C VAL A 231 12.56 -13.69 5.25
N ASN A 232 12.95 -13.27 6.47
CA ASN A 232 13.79 -12.08 6.59
C ASN A 232 15.11 -12.25 5.84
N LEU A 233 15.77 -13.40 6.02
CA LEU A 233 17.02 -13.60 5.30
C LEU A 233 16.79 -13.64 3.79
N ALA A 234 15.65 -14.21 3.37
CA ALA A 234 15.34 -14.27 1.94
C ALA A 234 15.19 -12.86 1.37
N VAL A 235 14.50 -11.98 2.11
CA VAL A 235 14.32 -10.59 1.63
C VAL A 235 15.70 -9.91 1.51
N LEU A 236 16.56 -10.11 2.51
CA LEU A 236 17.92 -9.51 2.48
C LEU A 236 18.76 -10.05 1.29
N LYS A 237 18.62 -11.35 1.06
CA LYS A 237 19.34 -11.93 -0.07
C LYS A 237 18.83 -11.33 -1.39
N LEU A 238 17.51 -11.26 -1.57
CA LEU A 238 16.95 -10.70 -2.80
C LEU A 238 17.37 -9.25 -2.98
N SER A 239 17.46 -8.53 -1.86
CA SER A 239 17.89 -7.15 -1.95
C SER A 239 19.35 -7.06 -2.47
N GLU A 240 20.22 -7.86 -1.86
CA GLU A 240 21.64 -7.84 -2.20
C GLU A 240 21.93 -8.35 -3.61
N GLN A 241 21.10 -9.28 -4.09
CA GLN A 241 21.23 -9.78 -5.47
C GLN A 241 20.68 -8.89 -6.57
N GLY A 242 20.08 -7.76 -6.19
CA GLY A 242 19.52 -6.78 -7.11
C GLY A 242 18.13 -7.18 -7.61
N ILE A 243 17.58 -8.23 -7.04
CA ILE A 243 16.29 -8.71 -7.53
C ILE A 243 15.14 -7.75 -7.22
N LEU A 244 15.13 -7.18 -6.02
CA LEU A 244 14.09 -6.19 -5.71
C LEU A 244 14.17 -5.00 -6.69
N ASP A 245 15.28 -4.63 -7.01
CA ASP A 245 15.45 -3.57 -8.03
C ASP A 245 14.94 -3.96 -9.39
N LYS A 246 15.29 -5.09 -9.79
CA LYS A 246 14.84 -5.59 -11.09
C LYS A 246 13.32 -5.64 -11.14
N LEU A 247 12.71 -6.17 -10.07
CA LEU A 247 11.24 -6.17 -9.97
C LEU A 247 10.58 -4.79 -9.95
N LYS A 248 11.17 -3.83 -9.27
CA LYS A 248 10.61 -2.49 -9.28
C LYS A 248 10.65 -1.94 -10.70
N ASN A 249 11.76 -2.10 -11.40
CA ASN A 249 11.82 -1.57 -12.78
C ASN A 249 10.81 -2.29 -13.68
N LYS A 250 10.70 -3.60 -13.50
CA LYS A 250 9.79 -4.40 -14.32
C LYS A 250 8.36 -3.87 -14.20
N TRP A 251 7.92 -3.57 -12.98
CA TRP A 251 6.51 -3.27 -12.74
C TRP A 251 6.12 -1.79 -12.77
N TRP A 252 7.12 -0.91 -12.71
CA TRP A 252 6.84 0.51 -12.69
C TRP A 252 7.25 1.19 -13.98
N TYR A 253 8.50 0.96 -14.36
CA TYR A 253 9.14 1.82 -15.36
C TYR A 253 9.29 1.13 -16.69
N ASP A 254 9.53 -0.18 -16.71
CA ASP A 254 9.73 -0.86 -17.99
C ASP A 254 8.60 -0.54 -18.96
N LYS A 255 7.38 -0.65 -18.44
CA LYS A 255 6.13 -0.44 -19.16
C LYS A 255 5.52 1.00 -19.09
N GLY A 256 6.23 1.97 -18.51
CA GLY A 256 5.73 3.34 -18.43
C GLY A 256 5.17 3.88 -19.74
N GLU A 257 4.06 4.61 -19.66
CA GLU A 257 3.31 5.13 -20.82
C GLU A 257 3.25 6.66 -20.95
N CYS A 258 3.98 7.39 -20.09
CA CYS A 258 3.84 8.84 -19.98
C CYS A 258 5.19 9.58 -20.15
#